data_4PKA
#
_entry.id   4PKA
#
_cell.length_a   52.990
_cell.length_b   52.990
_cell.length_c   242.780
_cell.angle_alpha   90.00
_cell.angle_beta   90.00
_cell.angle_gamma   90.00
#
_symmetry.space_group_name_H-M   'P 43 21 2'
#
loop_
_entity.id
_entity.type
_entity.pdbx_description
1 polymer Patatin-17
2 water water
#
_entity_poly.entity_id   1
_entity_poly.type   'polypeptide(L)'
_entity_poly.pdbx_seq_one_letter_code
;MHHHHHHAMAQLGEMVTVLSIDGGGIRGIIPATILEFLEGQLQEMDNNADARLADYFDVIGGT(MIS)TGGLLTAMISTP
NENNRPFAAAKEIVPFYFEHGPQIFNPSGQILGPKYDGKYLMQVLQEKLGETRVHQALTEVVISSFDIKTNKPVIFTKSN
LANSPELDAKMYDISYSTAAAPTYFPPHYFVTNTSNGDEYEFNLVDGAVATVADPALLSISVATRLAQKDPAFASIRSLN
YKKMLLLSLGTGTTSEFDKTYTAKEAATWTAVHWMLVIQKMTDAASSYMTDYYLSTAFQALDSKNNYLRVQENALTGTTT
EMDDASEANMELLVQVGENLLKKPVSEDNPETYEEALKRFAKLLSDRKKLRANKASY
;
_entity_poly.pdbx_strand_id   X
#
# COMPACT_ATOMS: atom_id res chain seq x y z
N LEU A 12 -21.32 11.53 -11.20
CA LEU A 12 -19.89 11.29 -11.02
C LEU A 12 -19.33 12.05 -9.81
N GLY A 13 -19.84 13.26 -9.57
CA GLY A 13 -19.41 14.11 -8.46
C GLY A 13 -19.63 13.55 -7.07
N GLU A 14 -20.60 12.63 -6.92
CA GLU A 14 -20.93 12.03 -5.64
C GLU A 14 -20.10 10.74 -5.39
N MET A 15 -19.36 10.27 -6.43
CA MET A 15 -18.52 9.08 -6.35
C MET A 15 -17.37 9.20 -5.34
N VAL A 16 -17.04 8.08 -4.67
CA VAL A 16 -15.96 7.98 -3.70
C VAL A 16 -14.76 7.35 -4.42
N THR A 17 -13.56 7.96 -4.24
CA THR A 17 -12.31 7.51 -4.87
C THR A 17 -11.40 6.91 -3.81
N VAL A 18 -10.92 5.67 -4.08
CA VAL A 18 -10.05 4.91 -3.18
C VAL A 18 -8.83 4.38 -3.94
N LEU A 19 -7.64 4.53 -3.32
CA LEU A 19 -6.36 4.03 -3.81
C LEU A 19 -5.79 3.04 -2.78
N SER A 20 -5.34 1.87 -3.26
CA SER A 20 -4.79 0.82 -2.41
C SER A 20 -3.46 0.32 -2.95
N ILE A 21 -2.46 0.21 -2.08
CA ILE A 21 -1.14 -0.24 -2.49
C ILE A 21 -0.71 -1.46 -1.66
N ASP A 22 -0.45 -2.58 -2.36
CA ASP A 22 0.02 -3.84 -1.75
C ASP A 22 1.42 -3.68 -1.18
N GLY A 23 1.80 -4.63 -0.32
CA GLY A 23 3.15 -4.72 0.19
C GLY A 23 3.94 -5.56 -0.80
N GLY A 24 5.27 -5.51 -0.72
CA GLY A 24 6.12 -6.32 -1.59
C GLY A 24 7.59 -6.11 -1.40
N GLY A 25 7.94 -5.35 -0.36
CA GLY A 25 9.31 -4.99 -0.02
C GLY A 25 9.85 -4.08 -1.10
N ILE A 26 10.98 -4.50 -1.71
CA ILE A 26 11.63 -3.74 -2.77
C ILE A 26 10.75 -3.72 -4.05
N ARG A 27 9.84 -4.72 -4.20
CA ARG A 27 8.89 -4.81 -5.32
C ARG A 27 7.88 -3.62 -5.30
N GLY A 28 8.05 -2.71 -4.33
CA GLY A 28 7.28 -1.48 -4.21
C GLY A 28 7.56 -0.50 -5.33
N ILE A 29 8.65 -0.75 -6.08
CA ILE A 29 9.06 0.04 -7.25
C ILE A 29 7.96 -0.06 -8.33
N ILE A 30 7.37 -1.27 -8.48
CA ILE A 30 6.32 -1.55 -9.46
C ILE A 30 5.09 -0.63 -9.23
N PRO A 31 4.36 -0.62 -8.08
CA PRO A 31 3.24 0.33 -7.94
C PRO A 31 3.69 1.80 -8.01
N ALA A 32 4.92 2.11 -7.54
CA ALA A 32 5.49 3.46 -7.57
C ALA A 32 5.66 3.96 -9.03
N THR A 33 6.12 3.07 -9.94
CA THR A 33 6.28 3.33 -11.36
C THR A 33 4.89 3.61 -11.95
N ILE A 34 3.89 2.80 -11.53
CA ILE A 34 2.48 2.91 -11.92
C ILE A 34 1.91 4.26 -11.44
N LEU A 35 2.20 4.65 -10.19
CA LEU A 35 1.71 5.92 -9.64
C LEU A 35 2.40 7.14 -10.28
N GLU A 36 3.70 7.03 -10.63
CA GLU A 36 4.46 8.08 -11.32
C GLU A 36 3.77 8.40 -12.67
N PHE A 37 3.36 7.34 -13.41
CA PHE A 37 2.63 7.48 -14.68
C PHE A 37 1.25 8.18 -14.47
N LEU A 38 0.46 7.72 -13.47
CA LEU A 38 -0.88 8.24 -13.19
C LEU A 38 -0.82 9.70 -12.73
N GLU A 39 0.08 10.04 -11.79
CA GLU A 39 0.20 11.42 -11.28
C GLU A 39 0.62 12.38 -12.40
N GLY A 40 1.47 11.92 -13.31
CA GLY A 40 1.91 12.68 -14.47
C GLY A 40 0.78 12.93 -15.46
N GLN A 41 -0.14 11.96 -15.59
CA GLN A 41 -1.32 12.07 -16.45
C GLN A 41 -2.23 13.15 -15.93
N LEU A 42 -2.46 13.16 -14.60
CA LEU A 42 -3.30 14.12 -13.91
C LEU A 42 -2.69 15.54 -13.99
N GLN A 43 -1.36 15.64 -13.83
CA GLN A 43 -0.60 16.89 -13.89
C GLN A 43 -0.72 17.53 -15.25
N GLU A 44 -0.66 16.70 -16.31
CA GLU A 44 -0.79 17.17 -17.68
C GLU A 44 -2.23 17.62 -18.00
N MET A 45 -3.23 16.78 -17.71
CA MET A 45 -4.66 17.03 -17.95
C MET A 45 -5.16 18.28 -17.22
N ASP A 46 -4.75 18.45 -15.95
CA ASP A 46 -5.20 19.55 -15.13
C ASP A 46 -4.28 20.79 -15.21
N ASN A 47 -3.22 20.75 -16.07
CA ASN A 47 -2.24 21.85 -16.28
C ASN A 47 -1.69 22.34 -14.93
N ASN A 48 -1.35 21.41 -14.05
CA ASN A 48 -0.87 21.73 -12.71
C ASN A 48 0.26 20.76 -12.37
N ALA A 49 1.52 21.21 -12.42
CA ALA A 49 2.68 20.35 -12.11
C ALA A 49 2.75 19.99 -10.61
N ASP A 50 2.00 20.72 -9.78
CA ASP A 50 1.93 20.45 -8.36
C ASP A 50 0.76 19.46 -8.02
N ALA A 51 0.00 18.98 -9.04
CA ALA A 51 -1.08 18.01 -8.81
C ALA A 51 -0.51 16.76 -8.16
N ARG A 52 -1.15 16.31 -7.05
CA ARG A 52 -0.75 15.15 -6.26
C ARG A 52 -1.91 14.18 -6.12
N LEU A 53 -1.61 12.90 -5.87
CA LEU A 53 -2.62 11.84 -5.76
C LEU A 53 -3.61 12.09 -4.60
N ALA A 54 -3.14 12.69 -3.48
CA ALA A 54 -3.96 13.00 -2.30
C ALA A 54 -5.02 14.07 -2.62
N ASP A 55 -4.84 14.80 -3.73
CA ASP A 55 -5.81 15.80 -4.17
C ASP A 55 -7.01 15.15 -4.87
N TYR A 56 -6.81 13.93 -5.41
CA TYR A 56 -7.82 13.20 -6.19
C TYR A 56 -8.41 12.00 -5.46
N PHE A 57 -7.75 11.48 -4.43
CA PHE A 57 -8.24 10.29 -3.70
C PHE A 57 -8.75 10.62 -2.32
N ASP A 58 -9.92 10.06 -1.96
CA ASP A 58 -10.54 10.27 -0.65
C ASP A 58 -9.84 9.41 0.38
N VAL A 59 -9.56 8.17 0.01
CA VAL A 59 -8.90 7.19 0.85
C VAL A 59 -7.64 6.71 0.12
N ILE A 60 -6.51 6.64 0.85
CA ILE A 60 -5.27 6.07 0.34
C ILE A 60 -4.87 4.99 1.35
N GLY A 61 -4.97 3.73 0.93
CA GLY A 61 -4.64 2.54 1.71
C GLY A 61 -3.33 1.89 1.28
N GLY A 62 -2.60 1.38 2.25
CA GLY A 62 -1.31 0.74 2.03
C GLY A 62 -0.84 -0.15 3.17
N THR A 63 -0.13 -1.24 2.81
CA THR A 63 0.46 -2.20 3.74
C THR A 63 1.97 -2.26 3.45
N MIS A 64 2.80 -2.30 4.53
CA MIS A 64 4.25 -2.40 4.46
CB MIS A 64 4.66 -3.82 4.03
OG MIS A 64 6.06 -4.01 4.09
P MIS A 64 6.64 -5.17 3.21
O1P MIS A 64 6.22 -4.87 1.67
O2P MIS A 64 6.29 -6.49 3.78
O3P MIS A 64 8.20 -4.80 3.29
C1 MIS A 64 8.80 -5.09 4.53
C2 MIS A 64 9.66 -6.34 4.35
C3 MIS A 64 9.73 -3.90 4.76
C MIS A 64 4.84 -1.30 3.55
O MIS A 64 4.58 -0.14 3.83
N THR A 65 5.54 -1.64 2.45
CA THR A 65 6.09 -0.61 1.54
C THR A 65 4.97 0.21 0.88
N GLY A 66 3.79 -0.38 0.69
CA GLY A 66 2.61 0.32 0.19
C GLY A 66 2.13 1.35 1.20
N GLY A 67 2.35 1.06 2.48
CA GLY A 67 2.05 1.93 3.62
C GLY A 67 3.06 3.06 3.75
N LEU A 68 4.36 2.78 3.45
CA LEU A 68 5.44 3.78 3.41
C LEU A 68 5.08 4.83 2.39
N LEU A 69 4.70 4.35 1.17
CA LEU A 69 4.29 5.15 0.02
C LEU A 69 3.10 6.00 0.43
N THR A 70 2.05 5.36 1.01
CA THR A 70 0.81 6.00 1.51
C THR A 70 1.18 7.20 2.39
N ALA A 71 2.04 6.99 3.39
CA ALA A 71 2.51 7.99 4.35
C ALA A 71 3.29 9.14 3.71
N MET A 72 4.11 8.84 2.69
CA MET A 72 4.93 9.87 2.07
C MET A 72 4.15 10.76 1.11
N ILE A 73 3.00 10.28 0.59
CA ILE A 73 2.17 11.06 -0.34
C ILE A 73 0.93 11.63 0.38
N SER A 74 0.77 11.39 1.71
CA SER A 74 -0.36 11.88 2.50
C SER A 74 0.06 12.88 3.58
N THR A 75 1.32 12.77 4.05
CA THR A 75 1.89 13.63 5.08
C THR A 75 2.06 15.06 4.55
N PRO A 76 1.55 16.08 5.27
CA PRO A 76 1.76 17.46 4.82
C PRO A 76 3.20 17.95 5.00
N ASN A 77 3.65 18.77 4.07
CA ASN A 77 4.96 19.41 4.10
C ASN A 77 4.79 20.87 4.63
N GLU A 78 5.84 21.70 4.50
CA GLU A 78 5.88 23.10 4.95
C GLU A 78 4.78 23.96 4.30
N ASN A 79 4.28 23.58 3.10
CA ASN A 79 3.25 24.32 2.37
C ASN A 79 1.86 23.69 2.55
N ASN A 80 1.74 22.68 3.45
CA ASN A 80 0.53 21.89 3.72
C ASN A 80 0.10 21.19 2.41
N ARG A 81 1.13 20.65 1.73
CA ARG A 81 1.06 19.93 0.46
C ARG A 81 1.64 18.53 0.67
N PRO A 82 1.26 17.49 -0.13
CA PRO A 82 1.81 16.15 0.11
C PRO A 82 3.33 16.16 0.04
N PHE A 83 3.97 15.56 1.07
CA PHE A 83 5.42 15.53 1.25
C PHE A 83 6.18 15.09 -0.01
N ALA A 84 5.73 14.02 -0.66
CA ALA A 84 6.41 13.49 -1.85
C ALA A 84 5.50 13.40 -3.06
N ALA A 85 6.08 13.71 -4.24
CA ALA A 85 5.43 13.54 -5.54
C ALA A 85 5.54 12.07 -5.89
N ALA A 86 4.66 11.55 -6.75
CA ALA A 86 4.74 10.13 -7.12
C ALA A 86 6.08 9.79 -7.83
N LYS A 87 6.64 10.74 -8.61
CA LYS A 87 7.92 10.51 -9.32
C LYS A 87 9.14 10.48 -8.37
N GLU A 88 8.97 10.87 -7.09
CA GLU A 88 10.05 10.87 -6.10
C GLU A 88 10.17 9.55 -5.33
N ILE A 89 9.23 8.61 -5.57
CA ILE A 89 9.17 7.33 -4.87
C ILE A 89 10.19 6.30 -5.43
N VAL A 90 10.29 6.09 -6.79
CA VAL A 90 11.30 5.14 -7.28
C VAL A 90 12.72 5.69 -6.91
N PRO A 91 13.04 7.03 -7.03
CA PRO A 91 14.34 7.51 -6.52
C PRO A 91 14.52 7.22 -5.02
N PHE A 92 13.46 7.31 -4.18
CA PHE A 92 13.52 6.97 -2.74
C PHE A 92 13.98 5.52 -2.59
N TYR A 93 13.31 4.58 -3.28
CA TYR A 93 13.61 3.15 -3.26
C TYR A 93 15.04 2.89 -3.76
N PHE A 94 15.50 3.62 -4.79
CA PHE A 94 16.85 3.49 -5.34
C PHE A 94 17.91 4.04 -4.40
N GLU A 95 17.62 5.15 -3.69
CA GLU A 95 18.57 5.78 -2.76
C GLU A 95 18.66 5.05 -1.42
N HIS A 96 17.52 4.76 -0.77
CA HIS A 96 17.44 4.23 0.59
C HIS A 96 17.22 2.72 0.67
N GLY A 97 16.69 2.13 -0.41
CA GLY A 97 16.45 0.69 -0.52
C GLY A 97 17.68 -0.17 -0.22
N PRO A 98 18.89 0.13 -0.79
CA PRO A 98 20.07 -0.69 -0.47
C PRO A 98 20.55 -0.57 0.98
N GLN A 99 20.17 0.53 1.69
CA GLN A 99 20.54 0.81 3.09
C GLN A 99 19.46 0.29 4.07
N ILE A 100 18.18 0.29 3.65
CA ILE A 100 17.08 -0.29 4.42
C ILE A 100 17.30 -1.82 4.44
N PHE A 101 17.62 -2.37 3.26
CA PHE A 101 17.87 -3.78 3.06
C PHE A 101 19.38 -4.09 2.98
N ASN A 102 20.07 -3.75 4.07
CA ASN A 102 21.50 -4.00 4.31
C ASN A 102 21.60 -4.94 5.52
N PRO A 103 22.07 -6.20 5.39
CA PRO A 103 22.00 -7.12 6.54
C PRO A 103 22.87 -6.73 7.73
N SER A 104 22.28 -6.84 8.94
CA SER A 104 22.92 -6.55 10.22
C SER A 104 24.12 -7.48 10.46
N GLY A 105 23.93 -8.76 10.12
CA GLY A 105 24.95 -9.79 10.26
C GLY A 105 24.80 -10.59 11.54
N GLN A 106 23.92 -10.14 12.45
CA GLN A 106 23.65 -10.78 13.75
C GLN A 106 23.04 -12.17 13.56
N ILE A 107 23.43 -13.11 14.44
CA ILE A 107 22.98 -14.50 14.41
C ILE A 107 21.55 -14.63 15.00
N LEU A 108 21.29 -14.06 16.19
CA LEU A 108 19.97 -14.17 16.82
C LEU A 108 19.11 -12.96 16.50
N GLY A 109 18.02 -13.20 15.79
CA GLY A 109 17.08 -12.16 15.41
C GLY A 109 16.78 -12.03 13.94
N PRO A 110 16.31 -10.83 13.52
CA PRO A 110 15.95 -10.64 12.10
C PRO A 110 17.15 -10.32 11.18
N LYS A 111 16.91 -10.46 9.87
CA LYS A 111 17.88 -10.20 8.80
C LYS A 111 18.44 -8.77 8.86
N TYR A 112 17.58 -7.81 9.25
CA TYR A 112 17.87 -6.39 9.31
C TYR A 112 17.53 -5.85 10.69
N ASP A 113 18.29 -4.84 11.15
CA ASP A 113 18.10 -4.28 12.48
C ASP A 113 16.97 -3.24 12.49
N GLY A 114 16.54 -2.80 11.32
CA GLY A 114 15.50 -1.80 11.18
C GLY A 114 15.93 -0.38 11.54
N LYS A 115 17.19 -0.21 11.96
CA LYS A 115 17.81 1.06 12.35
C LYS A 115 17.72 2.09 11.19
N TYR A 116 18.16 1.72 9.96
CA TYR A 116 18.10 2.63 8.81
C TYR A 116 16.67 2.93 8.41
N LEU A 117 15.79 1.91 8.39
CA LEU A 117 14.39 2.07 8.01
C LEU A 117 13.68 3.11 8.89
N MET A 118 13.89 3.03 10.22
CA MET A 118 13.31 3.98 11.17
C MET A 118 13.91 5.40 10.99
N GLN A 119 15.25 5.48 10.81
CA GLN A 119 15.97 6.75 10.66
C GLN A 119 15.49 7.54 9.43
N VAL A 120 15.41 6.89 8.25
CA VAL A 120 14.97 7.56 7.02
C VAL A 120 13.48 7.91 7.14
N LEU A 121 12.65 7.06 7.81
CA LEU A 121 11.23 7.37 8.03
C LEU A 121 11.10 8.58 8.92
N GLN A 122 11.85 8.61 10.05
CA GLN A 122 11.88 9.77 10.95
C GLN A 122 12.31 11.02 10.19
N GLU A 123 13.39 10.91 9.39
CA GLU A 123 13.96 12.01 8.60
C GLU A 123 12.91 12.65 7.65
N LYS A 124 12.21 11.82 6.86
CA LYS A 124 11.25 12.28 5.84
C LYS A 124 9.82 12.51 6.37
N LEU A 125 9.48 11.98 7.56
CA LEU A 125 8.12 12.17 8.07
C LEU A 125 8.07 13.18 9.23
N GLY A 126 9.20 13.41 9.88
CA GLY A 126 9.29 14.36 10.98
C GLY A 126 8.50 13.94 12.20
N GLU A 127 7.84 14.91 12.83
CA GLU A 127 7.03 14.73 14.03
C GLU A 127 5.54 14.72 13.70
N THR A 128 5.20 14.53 12.42
CA THR A 128 3.83 14.55 11.95
C THR A 128 3.05 13.34 12.48
N ARG A 129 1.77 13.57 12.80
CA ARG A 129 0.82 12.60 13.30
C ARG A 129 -0.19 12.26 12.20
N VAL A 130 -0.89 11.11 12.34
CA VAL A 130 -1.90 10.63 11.39
C VAL A 130 -3.09 11.63 11.22
N HIS A 131 -3.45 12.41 12.26
CA HIS A 131 -4.57 13.37 12.18
C HIS A 131 -4.31 14.49 11.16
N GLN A 132 -3.03 14.68 10.78
CA GLN A 132 -2.62 15.72 9.84
C GLN A 132 -2.65 15.25 8.37
N ALA A 133 -2.89 13.96 8.09
CA ALA A 133 -2.90 13.42 6.73
C ALA A 133 -3.85 14.22 5.85
N LEU A 134 -3.42 14.55 4.63
CA LEU A 134 -4.17 15.40 3.69
C LEU A 134 -5.38 14.69 3.10
N THR A 135 -5.47 13.38 3.30
CA THR A 135 -6.60 12.55 2.87
C THR A 135 -6.75 11.40 3.89
N GLU A 136 -7.80 10.58 3.74
CA GLU A 136 -8.05 9.45 4.62
C GLU A 136 -7.02 8.38 4.34
N VAL A 137 -6.29 7.97 5.36
CA VAL A 137 -5.22 6.98 5.20
C VAL A 137 -5.61 5.71 5.91
N VAL A 138 -5.17 4.58 5.36
CA VAL A 138 -5.44 3.26 5.90
C VAL A 138 -4.12 2.49 5.87
N ILE A 139 -3.37 2.57 6.97
CA ILE A 139 -2.08 1.90 7.08
C ILE A 139 -2.23 0.80 8.13
N SER A 140 -1.95 -0.44 7.72
CA SER A 140 -2.16 -1.67 8.49
C SER A 140 -0.97 -2.12 9.30
N SER A 141 -1.26 -2.87 10.37
CA SER A 141 -0.30 -3.51 11.27
C SER A 141 -1.01 -4.59 12.07
N PHE A 142 -0.24 -5.40 12.81
CA PHE A 142 -0.77 -6.43 13.70
C PHE A 142 -0.05 -6.27 15.04
N ASP A 143 -0.84 -6.16 16.14
CA ASP A 143 -0.33 -5.99 17.50
C ASP A 143 -0.13 -7.37 18.12
N ILE A 144 1.13 -7.77 18.36
CA ILE A 144 1.48 -9.09 18.91
C ILE A 144 1.22 -9.19 20.45
N LYS A 145 0.85 -8.08 21.14
CA LYS A 145 0.56 -8.03 22.60
C LYS A 145 -0.94 -8.12 22.86
N THR A 146 -1.75 -7.47 22.01
CA THR A 146 -3.20 -7.48 22.08
C THR A 146 -3.71 -8.61 21.14
N ASN A 147 -2.79 -9.13 20.28
CA ASN A 147 -3.05 -10.19 19.30
C ASN A 147 -4.20 -9.76 18.36
N LYS A 148 -4.15 -8.51 17.91
CA LYS A 148 -5.19 -7.93 17.07
C LYS A 148 -4.61 -7.07 15.99
N PRO A 149 -5.23 -7.01 14.79
CA PRO A 149 -4.79 -6.05 13.78
C PRO A 149 -4.99 -4.62 14.29
N VAL A 150 -4.08 -3.70 13.96
CA VAL A 150 -4.19 -2.29 14.37
C VAL A 150 -4.14 -1.47 13.09
N ILE A 151 -5.30 -0.96 12.68
CA ILE A 151 -5.43 -0.18 11.46
C ILE A 151 -5.42 1.33 11.81
N PHE A 152 -4.49 2.07 11.19
CA PHE A 152 -4.32 3.50 11.43
C PHE A 152 -5.08 4.30 10.39
N THR A 153 -6.08 5.08 10.85
CA THR A 153 -6.92 5.96 10.04
C THR A 153 -6.92 7.38 10.60
N LYS A 154 -7.21 8.37 9.74
CA LYS A 154 -7.34 9.79 10.10
C LYS A 154 -8.66 9.94 10.84
N SER A 155 -9.70 9.23 10.35
CA SER A 155 -11.03 9.12 10.94
C SER A 155 -10.92 8.17 12.13
N ASN A 156 -12.05 7.77 12.77
CA ASN A 156 -12.02 6.84 13.92
C ASN A 156 -11.04 7.35 15.03
N LEU A 157 -10.63 8.64 14.96
CA LEU A 157 -9.74 9.30 15.92
C LEU A 157 -10.55 10.11 16.91
N ALA A 158 -11.77 10.53 16.50
CA ALA A 158 -12.73 11.26 17.36
C ALA A 158 -12.97 10.41 18.59
N ASN A 159 -13.34 9.15 18.34
CA ASN A 159 -13.47 8.09 19.32
C ASN A 159 -12.09 7.45 19.40
N SER A 160 -11.52 7.33 20.61
CA SER A 160 -10.19 6.73 20.86
C SER A 160 -9.01 7.56 20.23
N PRO A 161 -8.61 8.70 20.88
CA PRO A 161 -7.48 9.51 20.36
C PRO A 161 -6.09 8.88 20.54
N GLU A 162 -6.00 7.69 21.15
CA GLU A 162 -4.73 7.00 21.38
C GLU A 162 -4.14 6.43 20.07
N LEU A 163 -4.91 6.49 18.95
CA LEU A 163 -4.46 5.98 17.65
C LEU A 163 -3.83 7.10 16.84
N ASP A 164 -3.72 8.32 17.42
CA ASP A 164 -3.09 9.45 16.75
C ASP A 164 -1.55 9.32 16.91
N ALA A 165 -1.01 8.26 16.31
CA ALA A 165 0.40 7.93 16.37
C ALA A 165 1.23 8.71 15.34
N LYS A 166 2.56 8.80 15.61
CA LYS A 166 3.54 9.42 14.72
C LYS A 166 3.55 8.65 13.39
N MET A 167 3.69 9.37 12.26
CA MET A 167 3.74 8.75 10.92
C MET A 167 4.93 7.79 10.80
N TYR A 168 6.04 8.03 11.49
CA TYR A 168 7.19 7.13 11.39
C TYR A 168 6.97 5.84 12.19
N ASP A 169 6.21 5.89 13.30
CA ASP A 169 5.91 4.70 14.11
C ASP A 169 4.93 3.81 13.35
N ILE A 170 3.96 4.44 12.65
CA ILE A 170 2.96 3.75 11.82
C ILE A 170 3.67 3.08 10.63
N SER A 171 4.52 3.86 9.92
CA SER A 171 5.25 3.45 8.73
C SER A 171 6.28 2.37 9.01
N TYR A 172 7.04 2.45 10.14
CA TYR A 172 7.99 1.39 10.44
C TYR A 172 7.24 0.10 10.73
N SER A 173 6.18 0.19 11.57
CA SER A 173 5.32 -0.92 12.02
C SER A 173 4.68 -1.65 10.84
N THR A 174 4.11 -0.91 9.86
CA THR A 174 3.45 -1.53 8.71
C THR A 174 4.45 -2.42 7.92
N ALA A 175 5.74 -2.04 7.90
CA ALA A 175 6.80 -2.74 7.20
C ALA A 175 7.61 -3.68 8.09
N ALA A 176 7.41 -3.67 9.43
CA ALA A 176 8.17 -4.50 10.37
C ALA A 176 7.86 -5.98 10.17
N ALA A 177 8.43 -6.56 9.09
CA ALA A 177 8.19 -7.95 8.69
C ALA A 177 8.95 -8.93 9.57
N PRO A 178 8.21 -9.87 10.24
CA PRO A 178 8.89 -10.87 11.09
C PRO A 178 9.98 -11.59 10.30
N THR A 179 11.17 -11.79 10.90
CA THR A 179 12.37 -12.45 10.31
C THR A 179 13.17 -11.45 9.46
N TYR A 180 12.52 -10.36 8.96
CA TYR A 180 13.20 -9.32 8.19
C TYR A 180 13.61 -8.15 9.12
N PHE A 181 12.67 -7.57 9.89
CA PHE A 181 12.94 -6.45 10.80
C PHE A 181 12.37 -6.74 12.19
N PRO A 182 12.92 -6.19 13.29
CA PRO A 182 12.34 -6.47 14.62
C PRO A 182 10.99 -5.77 14.83
N PRO A 183 10.06 -6.35 15.61
CA PRO A 183 8.77 -5.65 15.89
C PRO A 183 8.98 -4.29 16.55
N HIS A 184 8.02 -3.39 16.38
CA HIS A 184 8.13 -2.04 16.91
C HIS A 184 7.27 -1.82 18.14
N TYR A 185 7.85 -1.12 19.12
CA TYR A 185 7.19 -0.76 20.35
C TYR A 185 7.15 0.75 20.44
N PHE A 186 5.96 1.32 20.73
CA PHE A 186 5.80 2.75 20.87
C PHE A 186 4.56 3.08 21.71
N VAL A 187 4.54 4.31 22.24
CA VAL A 187 3.51 4.79 23.15
C VAL A 187 2.88 6.08 22.68
N THR A 188 1.56 6.17 22.85
CA THR A 188 0.69 7.35 22.67
C THR A 188 -0.06 7.55 24.00
N ASN A 189 -1.00 8.51 24.04
CA ASN A 189 -1.77 8.79 25.24
C ASN A 189 -3.27 8.79 24.94
N THR A 190 -4.05 8.15 25.83
CA THR A 190 -5.52 8.09 25.71
C THR A 190 -6.10 9.47 26.09
N SER A 191 -7.44 9.64 25.97
CA SER A 191 -8.17 10.87 26.33
C SER A 191 -7.94 11.26 27.81
N ASN A 192 -7.78 10.26 28.70
CA ASN A 192 -7.54 10.41 30.14
C ASN A 192 -6.10 10.84 30.47
N GLY A 193 -5.23 10.90 29.45
CA GLY A 193 -3.83 11.30 29.60
C GLY A 193 -2.85 10.18 29.90
N ASP A 194 -3.36 8.97 30.22
CA ASP A 194 -2.51 7.81 30.51
C ASP A 194 -1.97 7.19 29.22
N GLU A 195 -0.86 6.44 29.34
CA GLU A 195 -0.14 5.80 28.25
C GLU A 195 -0.91 4.67 27.54
N TYR A 196 -0.77 4.61 26.21
CA TYR A 196 -1.34 3.55 25.38
C TYR A 196 -0.21 2.95 24.54
N GLU A 197 0.05 1.67 24.79
CA GLU A 197 1.13 0.83 24.24
C GLU A 197 0.82 0.20 22.88
N PHE A 198 1.86 0.11 22.03
CA PHE A 198 1.81 -0.53 20.72
C PHE A 198 2.99 -1.46 20.56
N ASN A 199 2.74 -2.72 20.16
CA ASN A 199 3.74 -3.78 19.90
C ASN A 199 3.39 -4.35 18.55
N LEU A 200 3.84 -3.65 17.51
CA LEU A 200 3.43 -3.91 16.14
C LEU A 200 4.45 -4.57 15.21
N VAL A 201 3.89 -5.44 14.35
CA VAL A 201 4.57 -6.16 13.26
C VAL A 201 3.84 -5.76 11.96
N ASP A 202 4.46 -6.11 10.82
CA ASP A 202 3.98 -5.90 9.45
C ASP A 202 2.47 -6.11 9.28
N GLY A 203 1.87 -5.30 8.43
CA GLY A 203 0.44 -5.37 8.10
C GLY A 203 0.03 -6.65 7.38
N ALA A 204 1.00 -7.31 6.71
CA ALA A 204 0.79 -8.59 6.01
C ALA A 204 0.36 -9.69 7.00
N VAL A 205 0.86 -9.62 8.27
CA VAL A 205 0.51 -10.55 9.35
C VAL A 205 -0.99 -10.39 9.64
N ALA A 206 -1.50 -9.14 9.59
CA ALA A 206 -2.93 -8.84 9.80
C ALA A 206 -3.77 -9.31 8.59
N THR A 207 -3.20 -10.19 7.73
CA THR A 207 -3.80 -10.85 6.56
C THR A 207 -4.01 -9.89 5.35
N VAL A 208 -3.70 -8.59 5.49
CA VAL A 208 -3.98 -7.57 4.48
C VAL A 208 -2.76 -7.09 3.66
N ALA A 209 -1.93 -8.00 3.09
CA ALA A 209 -0.82 -7.57 2.20
C ALA A 209 -1.39 -6.75 1.06
N ASP A 210 -2.64 -7.09 0.68
CA ASP A 210 -3.50 -6.40 -0.27
C ASP A 210 -4.59 -5.68 0.57
N PRO A 211 -4.42 -4.37 0.90
CA PRO A 211 -5.41 -3.70 1.76
C PRO A 211 -6.66 -3.11 1.06
N ALA A 212 -6.91 -3.46 -0.22
CA ALA A 212 -8.00 -2.93 -1.04
C ALA A 212 -9.42 -3.11 -0.45
N LEU A 213 -9.72 -4.30 0.09
CA LEU A 213 -11.03 -4.55 0.71
C LEU A 213 -11.14 -3.81 2.05
N LEU A 214 -10.05 -3.80 2.83
CA LEU A 214 -9.99 -3.07 4.09
C LEU A 214 -10.26 -1.58 3.82
N SER A 215 -9.60 -1.00 2.77
CA SER A 215 -9.77 0.40 2.33
C SER A 215 -11.22 0.70 1.87
N ILE A 216 -11.86 -0.28 1.21
CA ILE A 216 -13.26 -0.17 0.75
C ILE A 216 -14.20 -0.15 1.99
N SER A 217 -13.87 -0.98 3.02
CA SER A 217 -14.65 -1.10 4.26
C SER A 217 -14.55 0.15 5.10
N VAL A 218 -13.36 0.76 5.17
CA VAL A 218 -13.15 2.00 5.92
C VAL A 218 -14.04 3.09 5.29
N ALA A 219 -14.02 3.21 3.95
CA ALA A 219 -14.82 4.19 3.20
C ALA A 219 -16.32 3.96 3.42
N THR A 220 -16.76 2.67 3.42
CA THR A 220 -18.16 2.26 3.64
C THR A 220 -18.59 2.66 5.06
N ARG A 221 -17.71 2.45 6.07
CA ARG A 221 -17.97 2.79 7.46
C ARG A 221 -18.01 4.30 7.66
N LEU A 222 -17.17 5.04 6.91
CA LEU A 222 -17.10 6.50 6.97
C LEU A 222 -18.36 7.11 6.36
N ALA A 223 -18.94 6.44 5.31
CA ALA A 223 -20.16 6.83 4.60
C ALA A 223 -21.37 6.93 5.53
N GLN A 224 -21.30 6.23 6.68
CA GLN A 224 -22.31 6.22 7.72
C GLN A 224 -22.26 7.50 8.55
N LYS A 225 -21.07 8.14 8.68
CA LYS A 225 -20.87 9.32 9.51
C LYS A 225 -20.35 10.58 8.75
N ASP A 226 -20.06 10.46 7.43
CA ASP A 226 -19.56 11.57 6.61
C ASP A 226 -20.44 11.77 5.36
N PRO A 227 -20.99 13.00 5.12
CA PRO A 227 -21.85 13.20 3.92
C PRO A 227 -21.11 13.13 2.58
N ALA A 228 -19.78 13.40 2.56
CA ALA A 228 -18.94 13.34 1.35
C ALA A 228 -18.79 11.89 0.83
N PHE A 229 -18.98 10.91 1.72
CA PHE A 229 -18.88 9.47 1.42
C PHE A 229 -20.28 8.80 1.29
N ALA A 230 -21.38 9.56 1.49
CA ALA A 230 -22.77 9.10 1.50
C ALA A 230 -23.23 8.26 0.29
N SER A 231 -22.65 8.47 -0.91
CA SER A 231 -23.07 7.76 -2.14
C SER A 231 -22.88 6.23 -2.07
N ILE A 232 -21.93 5.74 -1.25
CA ILE A 232 -21.63 4.30 -1.10
C ILE A 232 -22.21 3.74 0.24
N ARG A 233 -23.08 4.53 0.91
CA ARG A 233 -23.71 4.26 2.21
C ARG A 233 -24.33 2.85 2.37
N SER A 234 -24.98 2.31 1.30
CA SER A 234 -25.64 1.01 1.34
C SER A 234 -25.01 0.02 0.31
N LEU A 235 -23.67 -0.10 0.34
CA LEU A 235 -22.82 -0.95 -0.53
C LEU A 235 -22.97 -0.63 -2.02
N ASN A 236 -23.37 0.62 -2.36
CA ASN A 236 -23.53 0.98 -3.77
C ASN A 236 -22.15 1.28 -4.35
N TYR A 237 -21.42 0.22 -4.72
CA TYR A 237 -20.10 0.34 -5.30
C TYR A 237 -20.16 0.78 -6.76
N LYS A 238 -21.37 1.15 -7.26
CA LYS A 238 -21.57 1.75 -8.59
C LYS A 238 -21.00 3.15 -8.56
N LYS A 239 -21.10 3.79 -7.37
CA LYS A 239 -20.64 5.14 -7.08
C LYS A 239 -19.27 5.08 -6.38
N MET A 240 -18.46 4.05 -6.68
CA MET A 240 -17.12 3.87 -6.12
C MET A 240 -16.06 3.58 -7.18
N LEU A 241 -14.94 4.34 -7.14
CA LEU A 241 -13.79 4.14 -8.02
C LEU A 241 -12.64 3.62 -7.20
N LEU A 242 -12.18 2.39 -7.50
CA LEU A 242 -11.08 1.76 -6.77
C LEU A 242 -9.90 1.41 -7.66
N LEU A 243 -8.73 1.95 -7.29
CA LEU A 243 -7.46 1.63 -7.92
C LEU A 243 -6.63 0.84 -6.90
N SER A 244 -6.47 -0.47 -7.14
CA SER A 244 -5.66 -1.34 -6.29
C SER A 244 -4.37 -1.68 -7.04
N LEU A 245 -3.20 -1.52 -6.39
CA LEU A 245 -1.90 -1.76 -7.03
C LEU A 245 -1.12 -2.85 -6.35
N GLY A 246 -0.61 -3.79 -7.15
CA GLY A 246 0.18 -4.90 -6.66
C GLY A 246 1.68 -4.72 -6.84
N THR A 247 2.44 -5.63 -6.23
CA THR A 247 3.90 -5.67 -6.28
C THR A 247 4.37 -6.93 -7.02
N GLY A 248 3.42 -7.62 -7.62
CA GLY A 248 3.67 -8.80 -8.44
C GLY A 248 3.62 -10.12 -7.71
N THR A 249 3.21 -11.15 -8.44
CA THR A 249 3.14 -12.56 -8.01
C THR A 249 3.91 -13.40 -9.03
N THR A 250 4.11 -14.68 -8.73
CA THR A 250 4.74 -15.59 -9.67
C THR A 250 4.13 -16.98 -9.56
N SER A 251 4.00 -17.64 -10.72
CA SER A 251 3.49 -19.00 -10.85
C SER A 251 4.51 -19.83 -11.64
N GLU A 252 5.64 -19.20 -12.04
CA GLU A 252 6.74 -19.83 -12.78
C GLU A 252 7.33 -20.93 -11.91
N PHE A 253 7.33 -22.18 -12.43
CA PHE A 253 7.78 -23.36 -11.68
C PHE A 253 9.20 -23.21 -11.10
N ASP A 254 10.06 -22.38 -11.72
CA ASP A 254 11.41 -22.13 -11.19
C ASP A 254 11.36 -21.56 -9.77
N LYS A 255 10.34 -20.75 -9.47
CA LYS A 255 10.21 -20.04 -8.20
C LYS A 255 9.17 -20.66 -7.24
N THR A 256 8.49 -21.77 -7.62
CA THR A 256 7.48 -22.38 -6.77
C THR A 256 7.97 -23.74 -6.22
N TYR A 257 7.11 -24.50 -5.51
CA TYR A 257 7.55 -25.76 -4.88
C TYR A 257 6.56 -26.91 -5.04
N THR A 258 7.03 -28.12 -4.75
CA THR A 258 6.24 -29.35 -4.81
C THR A 258 5.97 -29.82 -3.38
N ALA A 259 4.85 -30.53 -3.17
CA ALA A 259 4.46 -31.10 -1.88
C ALA A 259 5.48 -32.13 -1.42
N LYS A 260 6.03 -32.92 -2.36
CA LYS A 260 7.03 -33.97 -2.12
C LYS A 260 8.33 -33.39 -1.55
N GLU A 261 8.90 -32.37 -2.20
CA GLU A 261 10.14 -31.77 -1.69
C GLU A 261 9.92 -31.11 -0.31
N ALA A 262 8.71 -30.58 -0.04
CA ALA A 262 8.39 -29.90 1.22
C ALA A 262 8.07 -30.85 2.40
N ALA A 263 7.95 -32.16 2.17
CA ALA A 263 7.63 -33.18 3.17
C ALA A 263 8.57 -33.19 4.39
N THR A 264 9.84 -32.82 4.21
CA THR A 264 10.87 -32.84 5.24
C THR A 264 11.31 -31.42 5.66
N TRP A 265 10.73 -30.36 5.06
CA TRP A 265 11.01 -28.96 5.37
C TRP A 265 10.85 -28.68 6.85
N THR A 266 11.82 -27.97 7.45
CA THR A 266 11.78 -27.65 8.88
C THR A 266 11.12 -26.29 9.07
N ALA A 267 11.04 -25.84 10.34
CA ALA A 267 10.42 -24.56 10.68
C ALA A 267 11.16 -23.37 10.04
N VAL A 268 12.50 -23.49 9.84
CA VAL A 268 13.35 -22.45 9.21
C VAL A 268 12.94 -22.24 7.72
N HIS A 269 12.82 -23.35 6.93
CA HIS A 269 12.47 -23.27 5.51
C HIS A 269 11.09 -22.64 5.30
N TRP A 270 10.10 -23.05 6.10
CA TRP A 270 8.74 -22.55 6.01
C TRP A 270 8.68 -21.04 6.30
N MET A 271 9.40 -20.58 7.34
CA MET A 271 9.42 -19.19 7.77
C MET A 271 9.92 -18.27 6.68
N LEU A 272 10.90 -18.71 5.88
CA LEU A 272 11.44 -17.88 4.81
C LEU A 272 10.50 -17.87 3.60
N VAL A 273 9.41 -18.68 3.63
CA VAL A 273 8.53 -18.82 2.49
C VAL A 273 7.03 -18.56 2.75
N ILE A 274 6.52 -18.63 4.01
CA ILE A 274 5.07 -18.40 4.26
C ILE A 274 4.59 -16.99 3.95
N GLN A 275 5.38 -15.95 4.32
CA GLN A 275 4.97 -14.55 4.10
C GLN A 275 4.69 -14.36 2.62
N LYS A 276 5.64 -14.78 1.73
CA LYS A 276 5.47 -14.73 0.27
C LYS A 276 4.16 -15.43 -0.15
N MET A 277 3.86 -16.61 0.46
CA MET A 277 2.66 -17.39 0.14
C MET A 277 1.36 -16.69 0.61
N THR A 278 1.30 -16.24 1.88
CA THR A 278 0.11 -15.58 2.43
C THR A 278 -0.13 -14.26 1.69
N ASP A 279 0.96 -13.52 1.36
CA ASP A 279 0.90 -12.23 0.65
C ASP A 279 0.34 -12.45 -0.77
N ALA A 280 0.77 -13.54 -1.45
CA ALA A 280 0.29 -13.93 -2.77
C ALA A 280 -1.20 -14.30 -2.68
N ALA A 281 -1.56 -15.12 -1.67
CA ALA A 281 -2.94 -15.54 -1.36
C ALA A 281 -3.82 -14.33 -1.06
N SER A 282 -3.28 -13.35 -0.29
CA SER A 282 -3.97 -12.08 0.05
C SER A 282 -4.36 -11.30 -1.23
N SER A 283 -3.47 -11.29 -2.22
CA SER A 283 -3.70 -10.63 -3.51
C SER A 283 -4.84 -11.34 -4.25
N TYR A 284 -4.74 -12.68 -4.43
CA TYR A 284 -5.74 -13.48 -5.15
C TYR A 284 -7.13 -13.46 -4.48
N MET A 285 -7.19 -13.54 -3.15
CA MET A 285 -8.47 -13.59 -2.43
C MET A 285 -9.18 -12.23 -2.43
N THR A 286 -8.47 -11.14 -2.06
CA THR A 286 -9.00 -9.77 -2.03
C THR A 286 -9.50 -9.37 -3.45
N ASP A 287 -8.77 -9.77 -4.52
CA ASP A 287 -9.17 -9.48 -5.89
C ASP A 287 -10.46 -10.21 -6.26
N TYR A 288 -10.61 -11.46 -5.78
CA TYR A 288 -11.78 -12.30 -6.02
C TYR A 288 -12.99 -11.68 -5.32
N TYR A 289 -12.82 -11.25 -4.07
CA TYR A 289 -13.87 -10.61 -3.28
C TYR A 289 -14.38 -9.37 -3.95
N LEU A 290 -13.45 -8.50 -4.38
CA LEU A 290 -13.76 -7.22 -5.02
C LEU A 290 -14.36 -7.41 -6.41
N SER A 291 -13.80 -8.32 -7.25
CA SER A 291 -14.34 -8.60 -8.58
C SER A 291 -15.77 -9.11 -8.50
N THR A 292 -16.02 -10.03 -7.54
CA THR A 292 -17.33 -10.62 -7.29
C THR A 292 -18.34 -9.51 -7.03
N ALA A 293 -18.01 -8.59 -6.09
CA ALA A 293 -18.86 -7.48 -5.67
C ALA A 293 -19.12 -6.47 -6.80
N PHE A 294 -18.06 -6.05 -7.52
CA PHE A 294 -18.18 -5.06 -8.58
C PHE A 294 -18.90 -5.62 -9.82
N GLN A 295 -18.72 -6.93 -10.12
CA GLN A 295 -19.39 -7.59 -11.25
C GLN A 295 -20.85 -7.85 -10.93
N ALA A 296 -21.22 -7.95 -9.63
CA ALA A 296 -22.61 -8.16 -9.20
C ALA A 296 -23.41 -6.90 -9.45
N LEU A 297 -22.77 -5.73 -9.34
CA LEU A 297 -23.40 -4.44 -9.56
C LEU A 297 -23.21 -3.93 -10.99
N ASP A 298 -22.64 -4.76 -11.89
CA ASP A 298 -22.34 -4.44 -13.30
C ASP A 298 -21.47 -3.17 -13.40
N SER A 299 -20.45 -3.10 -12.52
CA SER A 299 -19.50 -1.99 -12.43
C SER A 299 -18.08 -2.54 -12.36
N LYS A 300 -17.77 -3.59 -13.15
CA LYS A 300 -16.45 -4.23 -13.13
C LYS A 300 -15.30 -3.21 -13.39
N ASN A 301 -15.49 -2.26 -14.34
CA ASN A 301 -14.49 -1.24 -14.71
C ASN A 301 -14.28 -0.14 -13.64
N ASN A 302 -15.07 -0.15 -12.55
CA ASN A 302 -14.89 0.77 -11.43
C ASN A 302 -13.72 0.34 -10.57
N TYR A 303 -13.37 -0.95 -10.67
CA TYR A 303 -12.28 -1.57 -9.94
C TYR A 303 -11.14 -1.91 -10.89
N LEU A 304 -10.03 -1.16 -10.76
CA LEU A 304 -8.86 -1.39 -11.58
C LEU A 304 -7.76 -1.96 -10.70
N ARG A 305 -7.44 -3.23 -10.96
CA ARG A 305 -6.41 -3.95 -10.28
C ARG A 305 -5.21 -4.09 -11.23
N VAL A 306 -4.13 -3.31 -10.98
CA VAL A 306 -2.88 -3.35 -11.75
C VAL A 306 -1.93 -4.31 -11.06
N GLN A 307 -1.80 -5.54 -11.59
CA GLN A 307 -0.97 -6.58 -10.99
C GLN A 307 -0.15 -7.35 -12.04
N GLU A 308 1.07 -7.75 -11.65
CA GLU A 308 2.03 -8.55 -12.41
C GLU A 308 1.92 -10.02 -11.94
N ASN A 309 1.71 -10.95 -12.86
CA ASN A 309 1.52 -12.36 -12.54
C ASN A 309 2.71 -13.25 -12.89
N ALA A 310 3.74 -12.70 -13.58
CA ALA A 310 4.87 -13.50 -14.03
C ALA A 310 6.25 -12.93 -13.61
N LEU A 311 6.49 -12.80 -12.29
CA LEU A 311 7.81 -12.33 -11.80
C LEU A 311 8.85 -13.42 -11.98
N THR A 312 10.01 -13.06 -12.51
CA THR A 312 11.08 -14.03 -12.76
C THR A 312 12.42 -13.54 -12.21
N GLY A 313 13.26 -14.51 -11.84
CA GLY A 313 14.61 -14.25 -11.34
C GLY A 313 14.68 -13.67 -9.96
N THR A 314 15.45 -12.58 -9.82
CA THR A 314 15.69 -11.88 -8.56
C THR A 314 14.50 -10.99 -8.16
N THR A 315 13.67 -10.62 -9.14
CA THR A 315 12.48 -9.77 -9.09
C THR A 315 11.46 -10.27 -8.05
N THR A 316 11.51 -11.56 -7.72
CA THR A 316 10.66 -12.23 -6.75
C THR A 316 10.93 -11.74 -5.31
N GLU A 317 12.20 -11.66 -4.91
CA GLU A 317 12.66 -11.32 -3.57
C GLU A 317 12.36 -9.88 -3.15
N MET A 318 11.80 -9.75 -1.95
CA MET A 318 11.37 -8.51 -1.30
C MET A 318 12.51 -7.63 -0.81
N ASP A 319 13.67 -8.20 -0.51
CA ASP A 319 14.77 -7.45 0.08
C ASP A 319 15.99 -7.34 -0.83
N ASP A 320 15.87 -7.74 -2.12
CA ASP A 320 16.97 -7.64 -3.07
C ASP A 320 17.01 -6.18 -3.53
N ALA A 321 17.79 -5.39 -2.82
CA ALA A 321 17.90 -3.96 -3.09
C ALA A 321 19.18 -3.62 -3.87
N SER A 322 19.67 -4.58 -4.68
CA SER A 322 20.84 -4.37 -5.53
C SER A 322 20.42 -3.42 -6.68
N GLU A 323 21.37 -2.68 -7.28
CA GLU A 323 21.05 -1.76 -8.40
C GLU A 323 20.43 -2.56 -9.58
N ALA A 324 20.98 -3.76 -9.87
CA ALA A 324 20.52 -4.64 -10.95
C ALA A 324 19.06 -5.10 -10.75
N ASN A 325 18.67 -5.42 -9.49
CA ASN A 325 17.29 -5.85 -9.25
C ASN A 325 16.31 -4.67 -9.28
N MET A 326 16.73 -3.51 -8.78
CA MET A 326 15.91 -2.29 -8.75
C MET A 326 15.60 -1.81 -10.17
N GLU A 327 16.61 -1.83 -11.07
CA GLU A 327 16.50 -1.49 -12.50
C GLU A 327 15.51 -2.46 -13.18
N LEU A 328 15.58 -3.78 -12.83
CA LEU A 328 14.68 -4.82 -13.32
C LEU A 328 13.24 -4.56 -12.88
N LEU A 329 13.04 -4.18 -11.60
CA LEU A 329 11.71 -3.90 -11.05
C LEU A 329 11.05 -2.70 -11.79
N VAL A 330 11.85 -1.65 -12.18
CA VAL A 330 11.40 -0.48 -12.96
C VAL A 330 10.88 -0.96 -14.32
N GLN A 331 11.66 -1.84 -14.96
CA GLN A 331 11.39 -2.45 -16.27
C GLN A 331 10.08 -3.27 -16.21
N VAL A 332 9.89 -4.02 -15.12
CA VAL A 332 8.67 -4.80 -14.87
C VAL A 332 7.46 -3.82 -14.77
N GLY A 333 7.67 -2.70 -14.09
CA GLY A 333 6.67 -1.66 -13.92
C GLY A 333 6.28 -0.98 -15.22
N GLU A 334 7.28 -0.70 -16.05
CA GLU A 334 7.09 -0.05 -17.36
C GLU A 334 6.49 -1.02 -18.40
N ASN A 335 6.78 -2.34 -18.28
CA ASN A 335 6.22 -3.35 -19.19
C ASN A 335 4.76 -3.62 -18.80
N LEU A 336 4.46 -3.57 -17.49
CA LEU A 336 3.12 -3.76 -16.94
C LEU A 336 2.13 -2.77 -17.58
N LEU A 337 2.56 -1.50 -17.78
CA LEU A 337 1.73 -0.47 -18.43
C LEU A 337 1.28 -0.87 -19.84
N LYS A 338 2.11 -1.64 -20.56
CA LYS A 338 1.86 -2.07 -21.94
C LYS A 338 1.14 -3.42 -21.97
N LYS A 339 0.98 -4.06 -20.80
CA LYS A 339 0.34 -5.38 -20.68
C LYS A 339 -1.20 -5.24 -20.59
N PRO A 340 -1.97 -6.22 -21.14
CA PRO A 340 -3.43 -6.12 -21.08
C PRO A 340 -3.98 -6.33 -19.67
N VAL A 341 -5.09 -5.64 -19.34
CA VAL A 341 -5.83 -5.67 -18.07
C VAL A 341 -6.36 -7.10 -17.81
N SER A 342 -6.96 -7.74 -18.83
CA SER A 342 -7.46 -9.12 -18.76
C SER A 342 -6.82 -10.01 -19.84
N GLU A 343 -7.14 -11.30 -19.83
CA GLU A 343 -6.66 -12.27 -20.82
C GLU A 343 -7.43 -12.09 -22.13
N ASP A 344 -8.69 -11.62 -22.04
CA ASP A 344 -9.56 -11.37 -23.20
C ASP A 344 -9.66 -9.88 -23.57
N ASN A 345 -9.43 -8.97 -22.61
CA ASN A 345 -9.47 -7.52 -22.83
C ASN A 345 -8.16 -7.04 -23.48
N PRO A 346 -8.20 -6.44 -24.69
CA PRO A 346 -6.94 -5.95 -25.30
C PRO A 346 -6.45 -4.63 -24.68
N GLU A 347 -7.33 -3.93 -23.90
CA GLU A 347 -7.02 -2.68 -23.23
C GLU A 347 -5.83 -2.86 -22.29
N THR A 348 -4.82 -2.01 -22.45
CA THR A 348 -3.62 -2.08 -21.62
C THR A 348 -3.83 -1.29 -20.32
N TYR A 349 -2.91 -1.46 -19.34
CA TYR A 349 -2.99 -0.76 -18.05
C TYR A 349 -2.79 0.75 -18.24
N GLU A 350 -1.82 1.16 -19.08
CA GLU A 350 -1.53 2.57 -19.41
C GLU A 350 -2.82 3.27 -19.88
N GLU A 351 -3.61 2.59 -20.74
CA GLU A 351 -4.88 3.08 -21.27
C GLU A 351 -5.96 3.13 -20.17
N ALA A 352 -6.06 2.06 -19.34
CA ALA A 352 -7.02 2.00 -18.24
C ALA A 352 -6.71 3.07 -17.19
N LEU A 353 -5.41 3.34 -16.96
CA LEU A 353 -4.97 4.35 -16.01
C LEU A 353 -5.26 5.77 -16.51
N LYS A 354 -5.28 5.98 -17.86
CA LYS A 354 -5.63 7.26 -18.48
C LYS A 354 -7.11 7.54 -18.26
N ARG A 355 -7.97 6.49 -18.46
CA ARG A 355 -9.41 6.55 -18.23
C ARG A 355 -9.68 6.90 -16.76
N PHE A 356 -8.94 6.27 -15.84
CA PHE A 356 -9.05 6.47 -14.40
C PHE A 356 -8.67 7.88 -14.00
N ALA A 357 -7.53 8.39 -14.53
CA ALA A 357 -7.02 9.74 -14.29
C ALA A 357 -8.05 10.78 -14.74
N LYS A 358 -8.64 10.58 -15.94
CA LYS A 358 -9.67 11.46 -16.50
C LYS A 358 -10.90 11.55 -15.56
N LEU A 359 -11.35 10.40 -15.04
CA LEU A 359 -12.47 10.33 -14.09
C LEU A 359 -12.16 11.08 -12.82
N LEU A 360 -10.93 10.93 -12.28
CA LEU A 360 -10.42 11.60 -11.08
C LEU A 360 -10.39 13.10 -11.30
N SER A 361 -9.89 13.53 -12.46
CA SER A 361 -9.79 14.91 -12.91
C SER A 361 -11.18 15.57 -12.99
N ASP A 362 -12.16 14.86 -13.59
CA ASP A 362 -13.51 15.33 -13.79
C ASP A 362 -14.30 15.42 -12.49
N ARG A 363 -14.07 14.49 -11.55
CA ARG A 363 -14.75 14.50 -10.27
C ARG A 363 -14.30 15.70 -9.41
N LYS A 364 -12.99 16.00 -9.38
CA LYS A 364 -12.42 17.13 -8.65
C LYS A 364 -13.05 18.45 -9.15
N LYS A 365 -12.98 18.69 -10.47
CA LYS A 365 -13.58 19.86 -11.14
C LYS A 365 -15.03 20.10 -10.68
N LEU A 366 -15.89 19.06 -10.75
CA LEU A 366 -17.31 19.09 -10.36
C LEU A 366 -17.49 19.40 -8.87
N ARG A 367 -16.64 18.81 -8.01
CA ARG A 367 -16.70 19.07 -6.56
C ARG A 367 -16.25 20.54 -6.25
N ALA A 368 -15.47 21.15 -7.15
CA ALA A 368 -14.97 22.52 -7.06
C ALA A 368 -15.98 23.51 -7.67
#